data_1JUF
#
_entry.id   1JUF
#
_cell.length_a   91.997
_cell.length_b   109.707
_cell.length_c   57.654
_cell.angle_alpha   90.00
_cell.angle_beta   120.52
_cell.angle_gamma   90.00
#
_symmetry.space_group_name_H-M   'C 1 2 1'
#
loop_
_entity.id
_entity.type
_entity.pdbx_description
1 polymer 'H2-Db major histocompatibility antigen'
2 polymer Beta-2-microglobulin
3 polymer 'H13b peptide'
4 water water
#
loop_
_entity_poly.entity_id
_entity_poly.type
_entity_poly.pdbx_seq_one_letter_code
_entity_poly.pdbx_strand_id
1 'polypeptide(L)'
;GPHSMRYFETAVSRPGLEEPRYISVGYVDNKEFVRFDSDAENPRYEPRAPWMEQEGPEYWERETQKAKGQEQWFRVSLRN
LLGYYNQSAGGSHTLQQMSGCDLGSDWRLLRGYLQFAYEGRDYIALNEDLKTWTAADMAAQITRRKWEQSGAAEHYKAYL
EGECVEWLHRYLKNGNATLLRTDSPKAHVTHHPRSKGEVTLRCWALGFYPADITLTWQLNGEELTQDMELVETRPAGDGT
FQKWASVVVPLGKEQNYTCRVYHEGLPEPLTLRWER
;
A
2 'polypeptide(L)'
;IQKTPQIQVYSRHPPENGKPNILNCYVTQFHPPHIEIQMLKNGKKIPKVEMSDMSFSKDWSFYILAHTEFTPTETDTYAC
RVKHDSMAEPKTVYWDRDM
;
B
3 'polypeptide(L)' SSVIGVWYL C
#
# COMPACT_ATOMS: atom_id res chain seq x y z
N GLY A 1 -19.47 -13.40 -3.24
CA GLY A 1 -18.31 -13.19 -2.41
C GLY A 1 -18.31 -11.82 -1.76
N PRO A 2 -17.47 -11.60 -0.73
CA PRO A 2 -17.40 -10.29 -0.04
C PRO A 2 -16.64 -9.24 -0.86
N HIS A 3 -16.95 -7.97 -0.61
CA HIS A 3 -16.31 -6.86 -1.34
C HIS A 3 -16.20 -5.63 -0.44
N SER A 4 -15.44 -4.64 -0.88
CA SER A 4 -15.27 -3.43 -0.09
C SER A 4 -14.93 -2.22 -0.92
N MET A 5 -15.08 -1.05 -0.31
CA MET A 5 -14.72 0.20 -0.95
C MET A 5 -14.12 1.08 0.16
N ARG A 6 -13.05 1.82 -0.17
CA ARG A 6 -12.44 2.68 0.81
C ARG A 6 -11.89 3.94 0.15
N TYR A 7 -11.89 5.03 0.92
CA TYR A 7 -11.28 6.28 0.50
C TYR A 7 -10.27 6.60 1.57
N PHE A 8 -9.02 6.74 1.16
CA PHE A 8 -7.91 7.05 2.04
C PHE A 8 -7.51 8.48 1.70
N GLU A 9 -7.65 9.37 2.68
CA GLU A 9 -7.35 10.77 2.50
C GLU A 9 -6.21 11.21 3.37
N THR A 10 -5.37 12.07 2.82
CA THR A 10 -4.21 12.59 3.54
C THR A 10 -4.05 14.11 3.37
N ALA A 11 -3.74 14.80 4.46
CA ALA A 11 -3.49 16.23 4.39
C ALA A 11 -2.20 16.48 5.13
N VAL A 12 -1.22 17.09 4.46
CA VAL A 12 0.07 17.35 5.07
C VAL A 12 0.37 18.83 5.04
N SER A 13 0.62 19.42 6.22
CA SER A 13 0.94 20.84 6.26
C SER A 13 2.45 20.89 6.15
N ARG A 14 2.96 22.00 5.61
CA ARG A 14 4.39 22.16 5.41
C ARG A 14 4.87 23.54 5.85
N PRO A 15 6.13 23.62 6.30
CA PRO A 15 6.69 24.91 6.75
C PRO A 15 6.57 26.00 5.69
N GLY A 16 6.17 27.19 6.12
CA GLY A 16 6.01 28.31 5.22
C GLY A 16 4.57 28.80 5.22
N LEU A 17 4.22 29.59 4.20
CA LEU A 17 2.86 30.12 4.07
C LEU A 17 2.05 29.13 3.24
N GLU A 18 2.78 28.31 2.47
CA GLU A 18 2.20 27.30 1.59
C GLU A 18 1.13 26.46 2.26
N GLU A 19 0.02 26.26 1.55
CA GLU A 19 -1.11 25.49 2.03
C GLU A 19 -0.81 24.00 2.09
N PRO A 20 -1.60 23.24 2.88
CA PRO A 20 -1.34 21.80 2.98
C PRO A 20 -1.57 21.13 1.63
N ARG A 21 -1.02 19.94 1.47
CA ARG A 21 -1.24 19.16 0.26
C ARG A 21 -2.33 18.15 0.66
N TYR A 22 -3.35 18.00 -0.19
CA TYR A 22 -4.45 17.08 0.04
C TYR A 22 -4.47 16.02 -1.02
N ILE A 23 -4.46 14.77 -0.58
CA ILE A 23 -4.50 13.65 -1.47
C ILE A 23 -5.59 12.68 -1.04
N SER A 24 -6.37 12.24 -2.01
CA SER A 24 -7.43 11.29 -1.78
C SER A 24 -7.35 10.12 -2.75
N VAL A 25 -7.36 8.91 -2.23
CA VAL A 25 -7.30 7.71 -3.08
C VAL A 25 -8.48 6.81 -2.78
N GLY A 26 -9.14 6.35 -3.84
CA GLY A 26 -10.26 5.46 -3.68
C GLY A 26 -9.88 4.05 -4.09
N TYR A 27 -10.38 3.07 -3.34
CA TYR A 27 -10.11 1.66 -3.58
C TYR A 27 -11.38 0.84 -3.64
N VAL A 28 -11.38 -0.17 -4.50
CA VAL A 28 -12.50 -1.10 -4.56
C VAL A 28 -11.79 -2.46 -4.43
N ASP A 29 -12.19 -3.23 -3.42
CA ASP A 29 -11.57 -4.52 -3.15
C ASP A 29 -10.04 -4.36 -3.10
N ASN A 30 -9.60 -3.34 -2.34
CA ASN A 30 -8.20 -2.99 -2.14
C ASN A 30 -7.43 -2.65 -3.42
N LYS A 31 -8.16 -2.28 -4.48
CA LYS A 31 -7.53 -1.93 -5.75
C LYS A 31 -7.77 -0.43 -6.04
N GLU A 32 -6.71 0.36 -6.17
CA GLU A 32 -6.85 1.81 -6.44
C GLU A 32 -7.64 2.03 -7.72
N PHE A 33 -8.74 2.79 -7.64
CA PHE A 33 -9.56 3.06 -8.81
C PHE A 33 -9.75 4.53 -9.13
N VAL A 34 -9.50 5.41 -8.17
CA VAL A 34 -9.59 6.86 -8.40
C VAL A 34 -8.56 7.56 -7.53
N ARG A 35 -8.16 8.77 -7.93
CA ARG A 35 -7.20 9.53 -7.16
C ARG A 35 -7.27 11.03 -7.42
N PHE A 36 -7.07 11.79 -6.35
CA PHE A 36 -7.05 13.26 -6.40
C PHE A 36 -5.81 13.75 -5.66
N ASP A 37 -5.14 14.77 -6.22
CA ASP A 37 -3.94 15.32 -5.58
C ASP A 37 -3.84 16.82 -5.84
N SER A 38 -3.92 17.61 -4.77
CA SER A 38 -3.89 19.05 -4.90
C SER A 38 -2.59 19.64 -5.49
N ASP A 39 -1.52 18.84 -5.57
CA ASP A 39 -0.25 19.29 -6.14
C ASP A 39 -0.26 19.25 -7.67
N ALA A 40 -1.23 18.54 -8.25
CA ALA A 40 -1.34 18.43 -9.69
C ALA A 40 -1.58 19.80 -10.37
N GLU A 41 -1.22 19.90 -11.65
CA GLU A 41 -1.39 21.16 -12.42
C GLU A 41 -2.87 21.53 -12.51
N ASN A 42 -3.68 20.58 -12.94
CA ASN A 42 -5.13 20.75 -13.04
C ASN A 42 -5.66 19.73 -12.04
N PRO A 43 -5.77 20.10 -10.76
CA PRO A 43 -6.26 19.16 -9.75
C PRO A 43 -7.70 18.70 -9.91
N ARG A 44 -7.86 17.39 -10.09
CA ARG A 44 -9.18 16.77 -10.16
C ARG A 44 -9.09 15.26 -9.99
N TYR A 45 -10.22 14.62 -9.69
CA TYR A 45 -10.20 13.19 -9.54
C TYR A 45 -9.95 12.62 -10.93
N GLU A 46 -9.15 11.57 -10.99
CA GLU A 46 -8.79 10.90 -12.24
C GLU A 46 -8.98 9.40 -12.07
N PRO A 47 -9.38 8.72 -13.16
CA PRO A 47 -9.58 7.27 -13.10
C PRO A 47 -8.22 6.60 -12.95
N ARG A 48 -8.17 5.50 -12.21
CA ARG A 48 -6.91 4.81 -12.03
C ARG A 48 -7.04 3.35 -12.42
N ALA A 49 -8.22 2.99 -12.90
CA ALA A 49 -8.48 1.65 -13.39
C ALA A 49 -9.25 1.91 -14.69
N PRO A 50 -8.96 1.14 -15.75
CA PRO A 50 -9.62 1.30 -17.06
C PRO A 50 -11.17 1.34 -17.02
N TRP A 51 -11.78 0.44 -16.24
CA TRP A 51 -13.23 0.40 -16.15
C TRP A 51 -13.91 1.68 -15.61
N MET A 52 -13.14 2.61 -15.04
CA MET A 52 -13.75 3.85 -14.54
C MET A 52 -13.96 4.84 -15.70
N GLU A 53 -13.37 4.54 -16.85
CA GLU A 53 -13.54 5.41 -18.00
C GLU A 53 -15.00 5.36 -18.46
N GLN A 54 -15.77 4.47 -17.86
CA GLN A 54 -17.19 4.37 -18.19
C GLN A 54 -18.01 5.53 -17.63
N GLU A 55 -17.50 6.19 -16.58
CA GLU A 55 -18.19 7.33 -15.94
C GLU A 55 -18.12 8.63 -16.76
N GLY A 56 -19.22 9.38 -16.80
CA GLY A 56 -19.26 10.62 -17.54
C GLY A 56 -18.72 11.87 -16.85
N PRO A 57 -18.57 12.99 -17.61
CA PRO A 57 -18.06 14.24 -17.06
C PRO A 57 -18.70 14.77 -15.79
N GLU A 58 -20.01 14.57 -15.62
CA GLU A 58 -20.66 15.06 -14.41
C GLU A 58 -20.18 14.31 -13.17
N TYR A 59 -19.69 13.08 -13.36
CA TYR A 59 -19.18 12.30 -12.24
C TYR A 59 -17.87 12.92 -11.78
N TRP A 60 -16.93 13.07 -12.71
CA TRP A 60 -15.63 13.64 -12.40
C TRP A 60 -15.73 15.04 -11.84
N GLU A 61 -16.65 15.83 -12.39
CA GLU A 61 -16.83 17.19 -11.91
C GLU A 61 -17.36 17.23 -10.48
N ARG A 62 -18.34 16.38 -10.17
CA ARG A 62 -18.92 16.34 -8.83
C ARG A 62 -17.90 15.81 -7.80
N GLU A 63 -17.17 14.77 -8.17
CA GLU A 63 -16.15 14.22 -7.28
C GLU A 63 -15.04 15.27 -7.08
N THR A 64 -14.62 15.91 -8.17
CA THR A 64 -13.60 16.94 -8.06
C THR A 64 -14.05 18.07 -7.13
N GLN A 65 -15.30 18.50 -7.23
CA GLN A 65 -15.79 19.57 -6.36
C GLN A 65 -15.84 19.11 -4.89
N LYS A 66 -16.15 17.85 -4.66
CA LYS A 66 -16.17 17.34 -3.28
C LYS A 66 -14.74 17.38 -2.71
N ALA A 67 -13.76 17.06 -3.55
CA ALA A 67 -12.36 17.08 -3.13
C ALA A 67 -11.91 18.48 -2.77
N LYS A 68 -12.36 19.47 -3.55
CA LYS A 68 -12.02 20.87 -3.27
C LYS A 68 -12.55 21.23 -1.87
N GLY A 69 -13.77 20.81 -1.58
CA GLY A 69 -14.33 21.08 -0.26
C GLY A 69 -13.49 20.38 0.81
N GLN A 70 -13.15 19.11 0.58
CA GLN A 70 -12.33 18.33 1.54
C GLN A 70 -10.98 19.00 1.81
N GLU A 71 -10.34 19.50 0.75
CA GLU A 71 -9.07 20.18 0.92
C GLU A 71 -9.24 21.34 1.91
N GLN A 72 -10.37 22.05 1.86
CA GLN A 72 -10.59 23.18 2.80
C GLN A 72 -10.93 22.63 4.20
N TRP A 73 -11.76 21.59 4.25
CA TRP A 73 -12.14 20.95 5.52
C TRP A 73 -10.86 20.50 6.27
N PHE A 74 -9.96 19.80 5.56
CA PHE A 74 -8.71 19.40 6.19
C PHE A 74 -7.84 20.59 6.65
N ARG A 75 -7.83 21.69 5.92
CA ARG A 75 -7.03 22.85 6.35
C ARG A 75 -7.57 23.39 7.67
N VAL A 76 -8.89 23.49 7.76
CA VAL A 76 -9.52 23.97 8.98
C VAL A 76 -9.25 22.99 10.13
N SER A 77 -9.43 21.70 9.88
CA SER A 77 -9.22 20.68 10.90
C SER A 77 -7.77 20.61 11.35
N LEU A 78 -6.82 20.80 10.44
CA LEU A 78 -5.41 20.81 10.81
C LEU A 78 -5.15 22.02 11.72
N ARG A 79 -5.72 23.17 11.36
CA ARG A 79 -5.49 24.34 12.18
C ARG A 79 -6.13 24.11 13.57
N ASN A 80 -7.31 23.50 13.60
CA ASN A 80 -7.97 23.21 14.90
C ASN A 80 -7.08 22.33 15.79
N LEU A 81 -6.52 21.28 15.22
CA LEU A 81 -5.66 20.38 15.98
C LEU A 81 -4.41 21.01 16.55
N LEU A 82 -3.83 21.97 15.84
CA LEU A 82 -2.64 22.66 16.35
C LEU A 82 -2.96 23.25 17.71
N GLY A 83 -4.18 23.78 17.83
CA GLY A 83 -4.60 24.36 19.10
C GLY A 83 -4.87 23.30 20.16
N TYR A 84 -5.54 22.21 19.80
CA TYR A 84 -5.85 21.14 20.78
C TYR A 84 -4.56 20.56 21.37
N TYR A 85 -3.54 20.43 20.54
CA TYR A 85 -2.28 19.86 20.97
C TYR A 85 -1.24 20.88 21.40
N ASN A 86 -1.62 22.16 21.43
CA ASN A 86 -0.67 23.20 21.83
C ASN A 86 0.60 23.20 20.99
N GLN A 87 0.44 23.18 19.69
CA GLN A 87 1.58 23.19 18.78
C GLN A 87 1.68 24.55 18.12
N SER A 88 2.90 25.05 17.92
CA SER A 88 3.09 26.35 17.28
C SER A 88 2.99 26.13 15.78
N ALA A 89 3.14 27.20 15.01
CA ALA A 89 3.10 27.07 13.56
C ALA A 89 4.53 26.73 13.11
N GLY A 90 4.72 26.51 11.82
CA GLY A 90 6.05 26.18 11.34
C GLY A 90 6.55 24.77 11.59
N GLY A 91 5.61 23.84 11.72
CA GLY A 91 5.97 22.45 11.93
C GLY A 91 5.37 21.69 10.76
N SER A 92 5.56 20.38 10.72
CA SER A 92 4.99 19.55 9.67
C SER A 92 3.99 18.63 10.37
N HIS A 93 2.77 18.55 9.86
CA HIS A 93 1.75 17.72 10.49
C HIS A 93 1.00 16.91 9.44
N THR A 94 0.52 15.74 9.85
CA THR A 94 -0.24 14.88 8.97
C THR A 94 -1.61 14.49 9.53
N LEU A 95 -2.65 14.65 8.73
CA LEU A 95 -3.98 14.22 9.14
C LEU A 95 -4.41 13.18 8.08
N GLN A 96 -4.86 12.02 8.52
CA GLN A 96 -5.31 10.99 7.59
C GLN A 96 -6.70 10.50 7.95
N GLN A 97 -7.39 9.92 6.97
CA GLN A 97 -8.73 9.42 7.18
C GLN A 97 -8.94 8.22 6.29
N MET A 98 -9.67 7.23 6.82
CA MET A 98 -10.05 6.05 6.07
C MET A 98 -11.56 5.96 6.31
N SER A 99 -12.31 5.79 5.22
CA SER A 99 -13.76 5.71 5.27
C SER A 99 -14.15 4.65 4.25
N GLY A 100 -15.27 3.99 4.47
CA GLY A 100 -15.70 3.00 3.50
C GLY A 100 -16.62 1.95 4.08
N CYS A 101 -17.03 1.02 3.23
CA CYS A 101 -17.94 -0.04 3.64
C CYS A 101 -17.43 -1.43 3.22
N ASP A 102 -17.88 -2.44 3.95
CA ASP A 102 -17.55 -3.84 3.66
C ASP A 102 -18.89 -4.50 3.37
N LEU A 103 -18.99 -5.27 2.29
CA LEU A 103 -20.23 -5.97 1.97
C LEU A 103 -20.00 -7.45 2.32
N GLY A 104 -21.05 -8.10 2.81
CA GLY A 104 -20.94 -9.51 3.15
C GLY A 104 -21.27 -10.34 1.92
N SER A 105 -21.45 -11.64 2.09
CA SER A 105 -21.78 -12.55 0.99
C SER A 105 -23.12 -12.22 0.35
N ASP A 106 -24.03 -11.65 1.13
CA ASP A 106 -25.34 -11.28 0.61
C ASP A 106 -25.28 -9.92 -0.07
N TRP A 107 -24.09 -9.34 -0.11
CA TRP A 107 -23.85 -8.02 -0.68
C TRP A 107 -24.57 -6.89 0.04
N ARG A 108 -24.88 -7.14 1.31
CA ARG A 108 -25.50 -6.14 2.18
C ARG A 108 -24.38 -5.55 3.02
N LEU A 109 -24.58 -4.35 3.57
CA LEU A 109 -23.53 -3.73 4.37
C LEU A 109 -23.19 -4.67 5.53
N LEU A 110 -21.89 -4.95 5.70
CA LEU A 110 -21.46 -5.82 6.80
C LEU A 110 -20.83 -4.95 7.88
N ARG A 111 -20.17 -3.87 7.46
CA ARG A 111 -19.53 -2.95 8.40
C ARG A 111 -19.11 -1.64 7.72
N GLY A 112 -19.34 -0.54 8.42
CA GLY A 112 -18.97 0.78 7.95
C GLY A 112 -17.75 1.25 8.71
N TYR A 113 -16.90 2.02 8.05
CA TYR A 113 -15.65 2.48 8.65
C TYR A 113 -15.48 3.99 8.49
N LEU A 114 -15.02 4.66 9.54
CA LEU A 114 -14.77 6.10 9.48
C LEU A 114 -13.79 6.45 10.58
N GLN A 115 -12.53 6.54 10.21
CA GLN A 115 -11.49 6.82 11.18
C GLN A 115 -10.45 7.83 10.76
N PHE A 116 -9.90 8.51 11.75
CA PHE A 116 -8.89 9.54 11.55
C PHE A 116 -7.65 9.24 12.37
N ALA A 117 -6.53 9.76 11.89
CA ALA A 117 -5.26 9.66 12.57
C ALA A 117 -4.57 11.00 12.41
N TYR A 118 -3.80 11.36 13.44
CA TYR A 118 -3.04 12.59 13.46
C TYR A 118 -1.59 12.20 13.78
N GLU A 119 -0.66 12.72 12.98
CA GLU A 119 0.76 12.38 13.14
C GLU A 119 0.96 10.87 13.09
N GLY A 120 0.11 10.16 12.36
CA GLY A 120 0.27 8.71 12.26
C GLY A 120 -0.28 7.85 13.39
N ARG A 121 -1.06 8.45 14.30
CA ARG A 121 -1.63 7.72 15.44
C ARG A 121 -3.15 7.90 15.46
N ASP A 122 -3.87 6.87 15.92
CA ASP A 122 -5.34 6.94 15.99
C ASP A 122 -5.75 8.22 16.71
N TYR A 123 -6.76 8.90 16.16
CA TYR A 123 -7.28 10.14 16.72
C TYR A 123 -8.71 9.84 17.13
N ILE A 124 -9.62 9.72 16.17
CA ILE A 124 -11.01 9.39 16.48
C ILE A 124 -11.59 8.41 15.44
N ALA A 125 -12.54 7.57 15.88
CA ALA A 125 -13.13 6.58 14.99
C ALA A 125 -14.59 6.34 15.31
N LEU A 126 -15.39 6.11 14.29
CA LEU A 126 -16.80 5.81 14.47
C LEU A 126 -16.86 4.32 14.79
N ASN A 127 -17.60 3.98 15.85
CA ASN A 127 -17.73 2.59 16.25
C ASN A 127 -18.65 1.83 15.32
N GLU A 128 -18.52 0.51 15.34
CA GLU A 128 -19.33 -0.33 14.48
C GLU A 128 -20.82 -0.02 14.52
N ASP A 129 -21.32 0.52 15.63
CA ASP A 129 -22.74 0.83 15.69
C ASP A 129 -23.10 2.02 14.81
N LEU A 130 -22.10 2.71 14.28
CA LEU A 130 -22.31 3.88 13.42
C LEU A 130 -23.10 4.97 14.16
N LYS A 131 -22.97 5.00 15.49
CA LYS A 131 -23.66 5.97 16.34
C LYS A 131 -22.75 6.64 17.36
N THR A 132 -21.76 5.91 17.86
CA THR A 132 -20.87 6.45 18.86
C THR A 132 -19.42 6.48 18.43
N TRP A 133 -18.61 7.28 19.13
CA TRP A 133 -17.20 7.46 18.80
C TRP A 133 -16.23 6.99 19.84
N THR A 134 -15.05 6.57 19.37
CA THR A 134 -13.96 6.17 20.23
C THR A 134 -12.85 7.19 19.96
N ALA A 135 -12.50 7.95 21.01
CA ALA A 135 -11.47 8.97 20.94
C ALA A 135 -10.21 8.36 21.55
N ALA A 136 -9.09 8.49 20.86
CA ALA A 136 -7.83 7.91 21.31
C ALA A 136 -7.00 8.62 22.38
N ASP A 137 -7.22 9.92 22.57
CA ASP A 137 -6.49 10.69 23.57
C ASP A 137 -7.34 11.86 24.01
N MET A 138 -6.79 12.73 24.84
CA MET A 138 -7.53 13.88 25.36
C MET A 138 -7.97 14.88 24.31
N ALA A 139 -7.10 15.18 23.34
CA ALA A 139 -7.48 16.12 22.29
C ALA A 139 -8.70 15.60 21.52
N ALA A 140 -8.70 14.31 21.19
CA ALA A 140 -9.82 13.71 20.44
C ALA A 140 -11.14 13.71 21.21
N GLN A 141 -11.07 13.74 22.53
CA GLN A 141 -12.29 13.79 23.34
C GLN A 141 -12.94 15.13 23.03
N ILE A 142 -12.15 16.14 22.66
CA ILE A 142 -12.72 17.43 22.31
C ILE A 142 -13.58 17.24 21.05
N THR A 143 -13.00 16.61 20.03
CA THR A 143 -13.76 16.37 18.80
C THR A 143 -14.98 15.51 19.10
N ARG A 144 -14.79 14.48 19.91
CA ARG A 144 -15.91 13.59 20.27
C ARG A 144 -17.07 14.40 20.86
N ARG A 145 -16.79 15.27 21.82
CA ARG A 145 -17.86 16.06 22.43
C ARG A 145 -18.53 16.92 21.38
N LYS A 146 -17.71 17.61 20.59
CA LYS A 146 -18.19 18.47 19.49
C LYS A 146 -19.09 17.71 18.50
N TRP A 147 -18.72 16.47 18.17
CA TRP A 147 -19.51 15.70 17.21
C TRP A 147 -20.77 15.08 17.79
N GLU A 148 -20.73 14.70 19.07
CA GLU A 148 -21.93 14.17 19.72
C GLU A 148 -22.96 15.33 19.75
N GLN A 149 -22.50 16.53 20.08
CA GLN A 149 -23.38 17.68 20.11
C GLN A 149 -23.94 18.04 18.72
N SER A 150 -23.09 17.98 17.69
CA SER A 150 -23.50 18.29 16.31
C SER A 150 -24.24 17.15 15.63
N GLY A 151 -24.08 15.94 16.16
CA GLY A 151 -24.72 14.78 15.55
C GLY A 151 -24.05 14.34 14.24
N ALA A 152 -22.74 14.51 14.14
CA ALA A 152 -21.98 14.13 12.94
C ALA A 152 -22.07 12.65 12.56
N ALA A 153 -22.23 11.80 13.57
CA ALA A 153 -22.32 10.35 13.31
C ALA A 153 -23.49 10.00 12.40
N GLU A 154 -24.58 10.76 12.49
CA GLU A 154 -25.74 10.48 11.69
C GLU A 154 -25.41 10.72 10.22
N HIS A 155 -24.64 11.76 9.96
CA HIS A 155 -24.23 12.07 8.60
C HIS A 155 -23.40 10.89 8.03
N TYR A 156 -22.42 10.43 8.79
CA TYR A 156 -21.59 9.33 8.31
C TYR A 156 -22.35 8.00 8.21
N LYS A 157 -23.32 7.80 9.09
CA LYS A 157 -24.11 6.58 9.04
C LYS A 157 -24.92 6.57 7.75
N ALA A 158 -25.48 7.72 7.38
CA ALA A 158 -26.29 7.80 6.16
C ALA A 158 -25.45 7.45 4.92
N TYR A 159 -24.21 7.96 4.87
CA TYR A 159 -23.31 7.68 3.77
C TYR A 159 -22.91 6.20 3.73
N LEU A 160 -22.51 5.67 4.88
CA LEU A 160 -22.06 4.30 4.94
C LEU A 160 -23.10 3.25 4.60
N GLU A 161 -24.36 3.52 4.94
CA GLU A 161 -25.45 2.57 4.66
C GLU A 161 -26.15 2.88 3.33
N GLY A 162 -25.92 4.07 2.79
CA GLY A 162 -26.58 4.45 1.54
C GLY A 162 -25.64 4.57 0.36
N GLU A 163 -25.11 5.75 0.17
CA GLU A 163 -24.17 6.04 -0.93
C GLU A 163 -23.03 5.04 -1.11
N CYS A 164 -22.32 4.71 -0.03
CA CYS A 164 -21.21 3.79 -0.10
C CYS A 164 -21.61 2.44 -0.71
N VAL A 165 -22.75 1.92 -0.25
CA VAL A 165 -23.26 0.65 -0.73
C VAL A 165 -23.72 0.76 -2.19
N GLU A 166 -24.53 1.77 -2.47
CA GLU A 166 -25.03 1.99 -3.82
C GLU A 166 -23.91 2.04 -4.85
N TRP A 167 -22.89 2.86 -4.58
CA TRP A 167 -21.80 3.00 -5.54
C TRP A 167 -20.88 1.81 -5.60
N LEU A 168 -20.66 1.14 -4.47
CA LEU A 168 -19.81 -0.04 -4.50
C LEU A 168 -20.47 -1.04 -5.47
N HIS A 169 -21.80 -1.20 -5.37
CA HIS A 169 -22.54 -2.11 -6.25
C HIS A 169 -22.34 -1.70 -7.72
N ARG A 170 -22.45 -0.41 -8.01
CA ARG A 170 -22.26 0.08 -9.38
C ARG A 170 -20.84 -0.22 -9.89
N TYR A 171 -19.83 0.03 -9.05
CA TYR A 171 -18.45 -0.21 -9.45
C TYR A 171 -18.18 -1.69 -9.69
N LEU A 172 -18.77 -2.56 -8.88
CA LEU A 172 -18.57 -3.98 -9.08
C LEU A 172 -19.17 -4.40 -10.42
N LYS A 173 -20.29 -3.82 -10.81
CA LYS A 173 -20.92 -4.17 -12.09
C LYS A 173 -20.05 -3.66 -13.26
N ASN A 174 -19.60 -2.42 -13.16
CA ASN A 174 -18.78 -1.81 -14.19
C ASN A 174 -17.40 -2.42 -14.38
N GLY A 175 -16.75 -2.79 -13.30
CA GLY A 175 -15.43 -3.38 -13.43
C GLY A 175 -15.49 -4.85 -13.08
N ASN A 176 -16.61 -5.48 -13.39
CA ASN A 176 -16.82 -6.88 -13.05
C ASN A 176 -15.71 -7.84 -13.50
N ALA A 177 -15.55 -7.98 -14.82
CA ALA A 177 -14.52 -8.85 -15.38
C ALA A 177 -13.15 -8.58 -14.76
N THR A 178 -12.71 -7.32 -14.87
CA THR A 178 -11.42 -6.88 -14.36
C THR A 178 -11.13 -7.15 -12.89
N LEU A 179 -12.04 -6.74 -12.02
CA LEU A 179 -11.85 -6.91 -10.57
C LEU A 179 -11.73 -8.34 -10.06
N LEU A 180 -12.32 -9.31 -10.75
CA LEU A 180 -12.22 -10.68 -10.28
C LEU A 180 -11.15 -11.46 -11.04
N ARG A 181 -10.34 -10.76 -11.82
CA ARG A 181 -9.30 -11.42 -12.60
C ARG A 181 -8.21 -12.01 -11.69
N THR A 182 -7.56 -13.07 -12.15
CA THR A 182 -6.45 -13.68 -11.43
C THR A 182 -5.35 -14.04 -12.41
N ASP A 183 -4.12 -13.72 -12.02
CA ASP A 183 -2.95 -14.04 -12.81
C ASP A 183 -2.21 -15.01 -11.93
N SER A 184 -2.11 -16.25 -12.41
CA SER A 184 -1.45 -17.30 -11.67
C SER A 184 0.02 -17.02 -11.59
N PRO A 185 0.67 -17.41 -10.49
CA PRO A 185 2.11 -17.19 -10.35
C PRO A 185 2.90 -18.16 -11.21
N LYS A 186 4.06 -17.70 -11.68
CA LYS A 186 4.99 -18.49 -12.44
C LYS A 186 6.02 -18.81 -11.40
N ALA A 187 6.28 -20.09 -11.13
CA ALA A 187 7.24 -20.43 -10.09
C ALA A 187 8.49 -21.17 -10.58
N HIS A 188 9.55 -21.09 -9.78
CA HIS A 188 10.81 -21.78 -10.08
C HIS A 188 11.71 -21.78 -8.86
N VAL A 189 12.67 -22.69 -8.84
CA VAL A 189 13.61 -22.80 -7.72
C VAL A 189 15.04 -22.51 -8.17
N THR A 190 15.78 -21.78 -7.34
CA THR A 190 17.17 -21.44 -7.62
C THR A 190 18.01 -22.09 -6.52
N HIS A 191 19.26 -22.42 -6.86
CA HIS A 191 20.17 -23.08 -5.93
C HIS A 191 21.34 -22.14 -5.55
N HIS A 192 21.57 -21.95 -4.27
CA HIS A 192 22.63 -21.04 -3.82
C HIS A 192 23.67 -21.65 -2.86
N PRO A 193 24.96 -21.42 -3.12
CA PRO A 193 26.13 -21.91 -2.35
C PRO A 193 25.98 -21.95 -0.83
N ARG A 194 25.62 -20.81 -0.23
CA ARG A 194 25.44 -20.75 1.22
C ARG A 194 26.71 -21.05 2.03
N SER A 195 26.67 -22.05 2.91
CA SER A 195 27.87 -22.44 3.67
C SER A 195 28.59 -23.77 3.43
N LYS A 196 29.10 -24.33 4.51
CA LYS A 196 29.84 -25.59 4.49
C LYS A 196 28.95 -26.80 4.21
N GLY A 197 28.97 -27.25 2.96
CA GLY A 197 28.15 -28.40 2.59
C GLY A 197 26.65 -28.13 2.61
N GLU A 198 26.26 -26.93 3.04
CA GLU A 198 24.84 -26.56 3.09
C GLU A 198 24.53 -25.52 2.02
N VAL A 199 23.46 -25.76 1.27
CA VAL A 199 23.07 -24.82 0.23
C VAL A 199 21.71 -24.19 0.51
N THR A 200 21.38 -23.16 -0.28
CA THR A 200 20.08 -22.50 -0.13
C THR A 200 19.25 -22.79 -1.37
N LEU A 201 18.02 -23.25 -1.15
CA LEU A 201 17.08 -23.51 -2.23
C LEU A 201 16.06 -22.40 -2.06
N ARG A 202 15.80 -21.66 -3.13
CA ARG A 202 14.87 -20.56 -3.02
C ARG A 202 13.73 -20.70 -4.02
N CYS A 203 12.51 -20.78 -3.49
CA CYS A 203 11.30 -20.92 -4.28
C CYS A 203 10.70 -19.56 -4.64
N TRP A 204 10.69 -19.24 -5.94
CA TRP A 204 10.16 -17.97 -6.43
C TRP A 204 8.76 -18.04 -7.02
N ALA A 205 7.89 -17.09 -6.64
CA ALA A 205 6.56 -17.00 -7.23
C ALA A 205 6.57 -15.62 -7.86
N LEU A 206 6.35 -15.54 -9.17
CA LEU A 206 6.41 -14.26 -9.86
C LEU A 206 5.23 -14.03 -10.76
N GLY A 207 4.95 -12.75 -11.02
CA GLY A 207 3.87 -12.37 -11.92
C GLY A 207 2.45 -12.72 -11.55
N PHE A 208 2.14 -12.76 -10.26
CA PHE A 208 0.80 -13.11 -9.83
C PHE A 208 -0.09 -11.93 -9.42
N TYR A 209 -1.39 -12.17 -9.41
CA TYR A 209 -2.39 -11.17 -9.03
C TYR A 209 -3.69 -11.90 -8.69
N PRO A 210 -4.33 -11.58 -7.54
CA PRO A 210 -4.01 -10.61 -6.48
C PRO A 210 -2.73 -10.96 -5.74
N ALA A 211 -2.38 -10.14 -4.74
CA ALA A 211 -1.17 -10.32 -3.96
C ALA A 211 -1.22 -11.51 -2.99
N ASP A 212 -2.41 -11.90 -2.58
CA ASP A 212 -2.57 -13.03 -1.65
C ASP A 212 -1.95 -14.29 -2.25
N ILE A 213 -1.09 -14.93 -1.48
CA ILE A 213 -0.42 -16.14 -1.92
C ILE A 213 0.20 -16.81 -0.70
N THR A 214 0.47 -18.11 -0.80
CA THR A 214 1.08 -18.88 0.28
C THR A 214 2.13 -19.80 -0.31
N LEU A 215 3.35 -19.71 0.21
CA LEU A 215 4.46 -20.55 -0.21
C LEU A 215 4.84 -21.47 0.97
N THR A 216 5.08 -22.75 0.68
CA THR A 216 5.46 -23.70 1.72
C THR A 216 6.56 -24.63 1.19
N TRP A 217 7.50 -24.98 2.07
CA TRP A 217 8.57 -25.90 1.70
C TRP A 217 8.31 -27.20 2.44
N GLN A 218 8.46 -28.32 1.75
CA GLN A 218 8.22 -29.61 2.36
C GLN A 218 9.41 -30.56 2.34
N LEU A 219 9.54 -31.31 3.43
CA LEU A 219 10.60 -32.31 3.60
C LEU A 219 10.05 -33.69 3.21
N ASN A 220 10.40 -34.15 2.01
CA ASN A 220 9.96 -35.45 1.49
C ASN A 220 8.45 -35.54 1.27
N GLY A 221 7.79 -34.38 1.32
CA GLY A 221 6.35 -34.33 1.15
C GLY A 221 5.67 -33.81 2.39
N GLU A 222 6.37 -33.83 3.53
CA GLU A 222 5.82 -33.35 4.79
C GLU A 222 6.17 -31.88 5.03
N GLU A 223 5.17 -31.10 5.44
CA GLU A 223 5.36 -29.67 5.71
C GLU A 223 6.66 -29.39 6.44
N LEU A 224 7.15 -28.16 6.33
CA LEU A 224 8.39 -27.78 6.95
C LEU A 224 8.46 -26.30 7.28
N THR A 225 7.75 -25.88 8.32
CA THR A 225 7.75 -24.48 8.75
C THR A 225 8.52 -24.38 10.06
N GLN A 226 9.64 -23.68 10.04
CA GLN A 226 10.46 -23.52 11.23
C GLN A 226 11.65 -22.60 10.95
N ASP A 227 12.49 -23.03 10.02
CA ASP A 227 13.64 -22.24 9.60
C ASP A 227 13.48 -21.71 8.17
N MET A 228 12.23 -21.54 7.75
CA MET A 228 11.95 -21.05 6.41
C MET A 228 12.11 -19.53 6.36
N GLU A 229 12.83 -19.05 5.36
CA GLU A 229 13.03 -17.62 5.21
C GLU A 229 12.02 -17.09 4.19
N LEU A 230 11.21 -16.13 4.60
CA LEU A 230 10.21 -15.53 3.74
C LEU A 230 10.50 -14.07 3.51
N VAL A 231 9.88 -13.52 2.48
CA VAL A 231 10.05 -12.11 2.16
C VAL A 231 8.62 -11.58 2.03
N GLU A 232 8.41 -10.34 2.44
CA GLU A 232 7.10 -9.74 2.32
C GLU A 232 6.76 -9.67 0.82
N THR A 233 5.50 -9.88 0.48
CA THR A 233 5.06 -9.83 -0.92
C THR A 233 5.36 -8.42 -1.41
N ARG A 234 5.81 -8.30 -2.65
CA ARG A 234 6.24 -7.02 -3.22
C ARG A 234 5.73 -6.78 -4.65
N PRO A 235 5.50 -5.50 -5.04
CA PRO A 235 5.02 -5.17 -6.38
C PRO A 235 6.15 -5.29 -7.40
N ALA A 236 5.90 -5.92 -8.53
CA ALA A 236 6.94 -6.06 -9.55
C ALA A 236 6.99 -4.73 -10.30
N GLY A 237 5.93 -3.95 -10.16
CA GLY A 237 5.85 -2.64 -10.80
C GLY A 237 5.01 -2.61 -12.07
N ASP A 238 4.56 -3.78 -12.53
CA ASP A 238 3.74 -3.87 -13.74
C ASP A 238 2.33 -4.27 -13.37
N GLY A 239 2.02 -4.19 -12.08
CA GLY A 239 0.69 -4.55 -11.63
C GLY A 239 0.63 -5.92 -11.01
N THR A 240 1.69 -6.72 -11.18
CA THR A 240 1.74 -8.04 -10.58
C THR A 240 2.65 -8.04 -9.37
N PHE A 241 2.60 -9.14 -8.61
CA PHE A 241 3.40 -9.26 -7.41
C PHE A 241 4.42 -10.38 -7.45
N GLN A 242 5.32 -10.36 -6.48
CA GLN A 242 6.40 -11.33 -6.35
C GLN A 242 6.53 -11.75 -4.89
N LYS A 243 7.18 -12.89 -4.66
CA LYS A 243 7.43 -13.37 -3.31
C LYS A 243 8.30 -14.63 -3.37
N TRP A 244 9.16 -14.81 -2.37
CA TRP A 244 9.95 -16.03 -2.33
C TRP A 244 10.10 -16.55 -0.92
N ALA A 245 10.43 -17.83 -0.84
CA ALA A 245 10.62 -18.56 0.41
C ALA A 245 11.81 -19.48 0.16
N SER A 246 12.74 -19.52 1.10
CA SER A 246 13.92 -20.35 0.95
C SER A 246 14.23 -21.14 2.20
N VAL A 247 15.07 -22.16 2.03
CA VAL A 247 15.50 -23.02 3.13
C VAL A 247 16.92 -23.46 2.82
N VAL A 248 17.69 -23.75 3.86
CA VAL A 248 19.06 -24.23 3.69
C VAL A 248 19.01 -25.75 3.71
N VAL A 249 19.38 -26.36 2.60
CA VAL A 249 19.35 -27.81 2.43
C VAL A 249 20.74 -28.47 2.33
N PRO A 250 20.96 -29.57 3.08
CA PRO A 250 22.24 -30.29 3.05
C PRO A 250 22.59 -30.67 1.61
N LEU A 251 23.80 -30.31 1.19
CA LEU A 251 24.27 -30.58 -0.17
C LEU A 251 24.03 -32.02 -0.62
N GLY A 252 23.52 -32.16 -1.84
CA GLY A 252 23.22 -33.48 -2.36
C GLY A 252 21.78 -33.87 -2.16
N LYS A 253 21.26 -33.69 -0.96
CA LYS A 253 19.87 -34.03 -0.66
C LYS A 253 18.85 -32.99 -1.13
N GLU A 254 19.11 -32.42 -2.31
CA GLU A 254 18.23 -31.40 -2.89
C GLU A 254 16.87 -31.96 -3.31
N GLN A 255 16.90 -32.82 -4.32
CA GLN A 255 15.70 -33.44 -4.90
C GLN A 255 14.69 -34.01 -3.91
N ASN A 256 15.01 -34.00 -2.61
CA ASN A 256 14.09 -34.52 -1.61
C ASN A 256 13.13 -33.44 -1.11
N TYR A 257 13.40 -32.19 -1.46
CA TYR A 257 12.57 -31.08 -1.01
C TYR A 257 11.66 -30.58 -2.11
N THR A 258 10.42 -30.26 -1.74
CA THR A 258 9.46 -29.75 -2.71
C THR A 258 8.83 -28.48 -2.16
N CYS A 259 8.54 -27.55 -3.06
CA CYS A 259 7.93 -26.29 -2.71
C CYS A 259 6.51 -26.28 -3.24
N ARG A 260 5.56 -25.88 -2.42
CA ARG A 260 4.20 -25.83 -2.89
C ARG A 260 3.69 -24.39 -2.87
N VAL A 261 3.08 -23.96 -3.96
CA VAL A 261 2.56 -22.60 -4.09
C VAL A 261 1.04 -22.62 -4.23
N TYR A 262 0.34 -21.87 -3.36
CA TYR A 262 -1.11 -21.79 -3.39
C TYR A 262 -1.52 -20.38 -3.79
N HIS A 263 -2.41 -20.28 -4.79
CA HIS A 263 -2.92 -18.99 -5.29
C HIS A 263 -4.27 -19.19 -5.97
N GLU A 264 -5.20 -18.25 -5.81
CA GLU A 264 -6.54 -18.34 -6.39
C GLU A 264 -6.59 -18.51 -7.91
N GLY A 265 -5.52 -18.17 -8.61
CA GLY A 265 -5.57 -18.30 -10.05
C GLY A 265 -5.24 -19.70 -10.53
N LEU A 266 -4.57 -20.45 -9.67
CA LEU A 266 -4.13 -21.81 -9.96
C LEU A 266 -5.26 -22.86 -9.98
N PRO A 267 -5.21 -23.76 -10.97
CA PRO A 267 -6.22 -24.82 -11.11
C PRO A 267 -5.93 -25.88 -10.01
N GLU A 268 -4.68 -25.93 -9.57
CA GLU A 268 -4.25 -26.82 -8.49
C GLU A 268 -2.98 -26.18 -7.94
N PRO A 269 -2.68 -26.43 -6.65
CA PRO A 269 -1.45 -25.82 -6.14
C PRO A 269 -0.27 -26.28 -6.97
N LEU A 270 0.74 -25.41 -7.10
CA LEU A 270 1.94 -25.72 -7.85
C LEU A 270 2.84 -26.56 -6.96
N THR A 271 3.55 -27.49 -7.56
CA THR A 271 4.46 -28.34 -6.80
C THR A 271 5.75 -28.38 -7.62
N LEU A 272 6.88 -28.05 -6.99
CA LEU A 272 8.14 -28.06 -7.71
C LEU A 272 9.33 -28.31 -6.78
N ARG A 273 10.50 -28.50 -7.36
CA ARG A 273 11.72 -28.73 -6.58
C ARG A 273 12.95 -28.32 -7.38
N TRP A 274 14.11 -28.36 -6.74
CA TRP A 274 15.35 -28.00 -7.41
C TRP A 274 15.49 -28.76 -8.72
N GLU A 275 15.81 -28.04 -9.79
CA GLU A 275 15.95 -28.62 -11.12
C GLU A 275 17.43 -28.62 -11.54
N ARG A 276 17.67 -28.47 -12.84
CA ARG A 276 19.07 -28.06 -13.30
C ARG A 276 20.06 -29.06 -12.68
N ILE B 1 6.55 8.83 17.33
CA ILE B 1 5.99 9.88 16.42
C ILE B 1 6.26 9.54 14.95
N GLN B 2 7.23 8.65 14.72
CA GLN B 2 7.59 8.26 13.36
C GLN B 2 7.98 6.78 13.27
N LYS B 3 7.85 6.21 12.08
CA LYS B 3 8.16 4.80 11.86
C LYS B 3 9.39 4.64 10.93
N THR B 4 10.25 3.67 11.24
CA THR B 4 11.49 3.37 10.47
C THR B 4 11.25 2.44 9.28
N PRO B 5 11.38 2.98 8.06
CA PRO B 5 11.18 2.24 6.80
C PRO B 5 11.84 0.86 6.63
N GLN B 6 11.08 -0.05 6.01
CA GLN B 6 11.56 -1.38 5.69
C GLN B 6 11.88 -1.24 4.21
N ILE B 7 12.98 -1.82 3.76
CA ILE B 7 13.36 -1.68 2.35
C ILE B 7 13.65 -3.01 1.65
N GLN B 8 13.19 -3.14 0.41
CA GLN B 8 13.49 -4.33 -0.43
C GLN B 8 14.00 -3.79 -1.78
N VAL B 9 15.12 -4.33 -2.24
CA VAL B 9 15.69 -3.92 -3.53
C VAL B 9 15.67 -5.18 -4.39
N TYR B 10 15.03 -5.12 -5.55
CA TYR B 10 14.93 -6.31 -6.38
C TYR B 10 14.61 -5.96 -7.82
N SER B 11 14.82 -6.90 -8.75
CA SER B 11 14.51 -6.64 -10.15
C SER B 11 13.07 -7.03 -10.48
N ARG B 12 12.48 -6.39 -11.49
CA ARG B 12 11.12 -6.73 -11.89
C ARG B 12 11.13 -8.13 -12.53
N HIS B 13 12.15 -8.40 -13.37
CA HIS B 13 12.28 -9.70 -14.06
C HIS B 13 13.52 -10.44 -13.60
N PRO B 14 13.53 -11.78 -13.71
CA PRO B 14 14.72 -12.54 -13.30
C PRO B 14 15.88 -11.91 -14.07
N PRO B 15 17.00 -11.64 -13.40
CA PRO B 15 18.15 -11.02 -14.05
C PRO B 15 19.05 -11.87 -14.94
N GLU B 16 19.51 -11.28 -16.03
CA GLU B 16 20.45 -11.92 -16.98
C GLU B 16 21.42 -10.81 -17.34
N ASN B 17 22.72 -11.03 -17.16
CA ASN B 17 23.69 -9.99 -17.48
C ASN B 17 23.58 -9.53 -18.95
N GLY B 18 23.57 -8.22 -19.14
CA GLY B 18 23.49 -7.66 -20.47
C GLY B 18 22.08 -7.40 -20.93
N LYS B 19 21.09 -7.92 -20.22
CA LYS B 19 19.69 -7.74 -20.62
C LYS B 19 18.95 -6.67 -19.83
N PRO B 20 18.38 -5.66 -20.53
CA PRO B 20 17.62 -4.55 -19.93
C PRO B 20 16.55 -5.08 -18.98
N ASN B 21 16.46 -4.44 -17.82
CA ASN B 21 15.51 -4.87 -16.79
C ASN B 21 15.05 -3.61 -16.05
N ILE B 22 14.37 -3.81 -14.92
CA ILE B 22 13.92 -2.68 -14.11
C ILE B 22 14.27 -3.00 -12.67
N LEU B 23 14.95 -2.06 -12.01
CA LEU B 23 15.36 -2.25 -10.63
C LEU B 23 14.38 -1.51 -9.72
N ASN B 24 13.87 -2.22 -8.72
CA ASN B 24 12.90 -1.67 -7.78
C ASN B 24 13.47 -1.46 -6.38
N CYS B 25 12.92 -0.46 -5.70
CA CYS B 25 13.30 -0.19 -4.32
C CYS B 25 11.94 0.10 -3.68
N TYR B 26 11.44 -0.86 -2.91
CA TYR B 26 10.13 -0.79 -2.29
C TYR B 26 10.32 -0.46 -0.82
N VAL B 27 9.79 0.70 -0.44
CA VAL B 27 9.93 1.23 0.93
C VAL B 27 8.55 1.34 1.57
N THR B 28 8.42 0.73 2.74
CA THR B 28 7.17 0.67 3.47
C THR B 28 7.32 1.00 4.95
N GLN B 29 6.17 1.06 5.62
CA GLN B 29 6.15 1.32 7.04
C GLN B 29 6.83 2.57 7.52
N PHE B 30 6.68 3.69 6.80
CA PHE B 30 7.28 4.92 7.31
C PHE B 30 6.24 5.99 7.58
N HIS B 31 6.60 6.98 8.41
CA HIS B 31 5.71 8.09 8.76
C HIS B 31 6.62 9.10 9.48
N PRO B 32 6.53 10.40 9.13
CA PRO B 32 5.69 11.04 8.12
C PRO B 32 5.98 10.62 6.68
N PRO B 33 5.14 11.06 5.74
CA PRO B 33 5.31 10.69 4.34
C PRO B 33 6.50 11.29 3.59
N HIS B 34 7.12 12.35 4.11
CA HIS B 34 8.28 12.89 3.40
C HIS B 34 9.45 11.93 3.56
N ILE B 35 10.09 11.60 2.45
CA ILE B 35 11.21 10.67 2.48
C ILE B 35 12.12 10.92 1.27
N GLU B 36 13.40 10.60 1.40
CA GLU B 36 14.30 10.76 0.29
C GLU B 36 14.82 9.36 -0.02
N ILE B 37 14.66 8.96 -1.27
CA ILE B 37 15.07 7.63 -1.74
C ILE B 37 15.92 7.80 -2.97
N GLN B 38 17.17 7.33 -2.94
CA GLN B 38 18.01 7.43 -4.13
C GLN B 38 18.42 6.02 -4.56
N MET B 39 18.63 5.84 -5.86
CA MET B 39 19.09 4.55 -6.39
C MET B 39 20.50 4.85 -6.90
N LEU B 40 21.43 3.95 -6.60
CA LEU B 40 22.84 4.12 -6.92
C LEU B 40 23.46 3.04 -7.79
N LYS B 41 24.31 3.45 -8.72
CA LYS B 41 25.06 2.51 -9.58
C LYS B 41 26.53 2.79 -9.30
N ASN B 42 27.24 1.84 -8.73
CA ASN B 42 28.65 2.03 -8.42
C ASN B 42 28.92 3.28 -7.56
N GLY B 43 28.04 3.51 -6.58
CA GLY B 43 28.19 4.62 -5.67
C GLY B 43 27.61 5.93 -6.15
N LYS B 44 27.22 5.97 -7.42
CA LYS B 44 26.68 7.17 -8.04
C LYS B 44 25.16 7.23 -8.17
N LYS B 45 24.57 8.37 -7.82
CA LYS B 45 23.13 8.57 -7.95
C LYS B 45 22.70 8.37 -9.40
N ILE B 46 21.64 7.59 -9.59
CA ILE B 46 21.07 7.32 -10.92
C ILE B 46 20.06 8.44 -11.15
N PRO B 47 20.23 9.18 -12.26
CA PRO B 47 19.37 10.31 -12.65
C PRO B 47 17.89 10.07 -12.85
N LYS B 48 17.56 9.08 -13.66
CA LYS B 48 16.16 8.80 -13.95
C LYS B 48 15.52 7.72 -13.09
N VAL B 49 14.97 8.14 -11.93
CA VAL B 49 14.30 7.20 -11.02
C VAL B 49 12.83 7.64 -10.87
N GLU B 50 11.92 6.72 -11.17
CA GLU B 50 10.48 6.98 -11.08
C GLU B 50 10.00 6.64 -9.67
N MET B 51 9.01 7.38 -9.18
CA MET B 51 8.43 7.15 -7.85
C MET B 51 6.92 6.93 -8.01
N SER B 52 6.37 5.88 -7.40
CA SER B 52 4.93 5.68 -7.48
C SER B 52 4.31 6.83 -6.67
N ASP B 53 2.99 6.98 -6.74
CA ASP B 53 2.31 8.05 -6.02
C ASP B 53 2.14 7.69 -4.54
N MET B 54 1.95 8.69 -3.70
CA MET B 54 1.77 8.51 -2.24
C MET B 54 0.59 7.59 -1.92
N SER B 55 0.84 6.54 -1.12
CA SER B 55 -0.19 5.60 -0.67
C SER B 55 0.08 5.22 0.81
N PHE B 56 -0.98 4.88 1.57
CA PHE B 56 -0.75 4.44 2.93
C PHE B 56 -1.61 3.21 3.24
N SER B 57 -1.19 2.44 4.25
CA SER B 57 -1.85 1.20 4.62
C SER B 57 -2.76 1.39 5.81
N LYS B 58 -3.54 0.35 6.10
CA LYS B 58 -4.50 0.35 7.18
C LYS B 58 -3.92 0.70 8.55
N ASP B 59 -2.60 0.59 8.72
CA ASP B 59 -2.00 0.94 10.02
C ASP B 59 -1.49 2.38 9.96
N TRP B 60 -1.93 3.09 8.93
CA TRP B 60 -1.58 4.49 8.67
C TRP B 60 -0.19 4.75 8.06
N SER B 61 0.69 3.76 8.06
CA SER B 61 2.04 3.99 7.51
C SER B 61 2.02 4.08 5.98
N PHE B 62 2.98 4.84 5.44
CA PHE B 62 3.10 5.06 4.01
C PHE B 62 4.07 4.07 3.35
N TYR B 63 3.95 3.91 2.03
CA TYR B 63 4.80 3.03 1.26
C TYR B 63 4.91 3.63 -0.14
N ILE B 64 6.05 3.36 -0.79
CA ILE B 64 6.27 3.90 -2.11
C ILE B 64 7.20 2.95 -2.87
N LEU B 65 7.07 2.93 -4.20
CA LEU B 65 7.94 2.10 -5.03
C LEU B 65 8.77 3.01 -5.92
N ALA B 66 10.09 2.96 -5.76
CA ALA B 66 10.98 3.73 -6.62
C ALA B 66 11.51 2.71 -7.62
N HIS B 67 11.68 3.10 -8.88
CA HIS B 67 12.22 2.15 -9.84
C HIS B 67 12.95 2.85 -10.97
N THR B 68 13.84 2.10 -11.62
CA THR B 68 14.63 2.68 -12.70
C THR B 68 15.08 1.60 -13.69
N GLU B 69 15.29 2.00 -14.94
CA GLU B 69 15.75 1.07 -15.95
C GLU B 69 17.20 0.75 -15.61
N PHE B 70 17.60 -0.50 -15.80
CA PHE B 70 18.98 -0.89 -15.54
C PHE B 70 19.29 -2.20 -16.25
N THR B 71 20.58 -2.42 -16.47
CA THR B 71 21.04 -3.64 -17.14
C THR B 71 22.03 -4.30 -16.19
N PRO B 72 21.62 -5.37 -15.52
CA PRO B 72 22.55 -6.03 -14.62
C PRO B 72 23.76 -6.58 -15.37
N THR B 73 24.93 -6.45 -14.75
CA THR B 73 26.18 -6.95 -15.34
C THR B 73 26.91 -7.72 -14.27
N GLU B 74 28.05 -8.28 -14.64
CA GLU B 74 28.82 -9.04 -13.68
C GLU B 74 29.47 -8.17 -12.59
N THR B 75 29.96 -6.99 -12.97
CA THR B 75 30.69 -6.15 -12.04
C THR B 75 30.03 -4.90 -11.43
N ASP B 76 29.02 -4.35 -12.08
CA ASP B 76 28.37 -3.16 -11.53
C ASP B 76 27.58 -3.52 -10.28
N THR B 77 27.49 -2.58 -9.35
CA THR B 77 26.72 -2.79 -8.12
C THR B 77 25.59 -1.76 -8.13
N TYR B 78 24.44 -2.16 -7.59
CA TYR B 78 23.28 -1.28 -7.51
C TYR B 78 22.82 -1.29 -6.07
N ALA B 79 22.32 -0.15 -5.60
CA ALA B 79 21.82 -0.08 -4.22
C ALA B 79 20.74 0.99 -4.12
N CYS B 80 20.03 0.98 -3.00
CA CYS B 80 19.02 1.98 -2.79
C CYS B 80 19.39 2.65 -1.48
N ARG B 81 19.37 3.98 -1.46
CA ARG B 81 19.74 4.70 -0.25
C ARG B 81 18.53 5.49 0.22
N VAL B 82 18.13 5.22 1.45
CA VAL B 82 16.94 5.85 2.01
C VAL B 82 17.24 6.72 3.22
N LYS B 83 16.73 7.94 3.23
CA LYS B 83 16.90 8.80 4.41
C LYS B 83 15.53 9.30 4.81
N HIS B 84 15.19 9.06 6.07
CA HIS B 84 13.90 9.44 6.61
C HIS B 84 14.16 9.97 8.03
N ASP B 85 13.30 10.89 8.50
CA ASP B 85 13.48 11.50 9.81
C ASP B 85 13.50 10.57 10.98
N SER B 86 13.00 9.35 10.81
CA SER B 86 12.96 8.37 11.89
C SER B 86 14.30 7.64 12.01
N MET B 87 15.21 7.96 11.10
CA MET B 87 16.51 7.32 11.08
C MET B 87 17.61 8.34 11.29
N ALA B 88 18.53 8.06 12.21
CA ALA B 88 19.62 8.98 12.46
C ALA B 88 20.50 9.07 11.21
N GLU B 89 20.71 7.93 10.55
CA GLU B 89 21.53 7.88 9.36
C GLU B 89 20.84 7.20 8.18
N PRO B 90 21.19 7.60 6.95
CA PRO B 90 20.57 7.00 5.75
C PRO B 90 20.88 5.50 5.71
N LYS B 91 19.97 4.70 5.19
CA LYS B 91 20.24 3.27 5.10
C LYS B 91 20.41 2.89 3.64
N THR B 92 21.48 2.16 3.35
CA THR B 92 21.77 1.74 1.98
C THR B 92 21.66 0.23 1.85
N VAL B 93 20.79 -0.20 0.94
CA VAL B 93 20.55 -1.61 0.70
C VAL B 93 21.01 -1.96 -0.72
N TYR B 94 21.90 -2.93 -0.83
CA TYR B 94 22.43 -3.34 -2.13
C TYR B 94 21.53 -4.35 -2.79
N TRP B 95 21.48 -4.31 -4.10
CA TRP B 95 20.70 -5.27 -4.84
C TRP B 95 21.47 -6.58 -4.85
N ASP B 96 20.80 -7.69 -4.55
CA ASP B 96 21.40 -9.01 -4.56
C ASP B 96 20.59 -9.76 -5.63
N ARG B 97 21.28 -10.30 -6.65
CA ARG B 97 20.55 -10.98 -7.72
C ARG B 97 19.83 -12.26 -7.28
N ASP B 98 20.21 -12.79 -6.12
CA ASP B 98 19.59 -13.99 -5.57
C ASP B 98 18.39 -13.70 -4.67
N MET B 99 18.03 -12.44 -4.50
CA MET B 99 16.91 -12.07 -3.63
C MET B 99 15.92 -11.07 -4.22
N SER C 1 -17.94 6.57 -4.88
CA SER C 1 -18.39 7.96 -4.52
C SER C 1 -17.90 8.28 -3.10
N SER C 2 -17.09 9.33 -3.01
CA SER C 2 -16.46 9.75 -1.77
C SER C 2 -17.38 10.44 -0.78
N VAL C 3 -17.02 10.33 0.49
CA VAL C 3 -17.78 10.93 1.59
C VAL C 3 -17.17 12.30 1.81
N ILE C 4 -17.97 13.22 2.33
CA ILE C 4 -17.45 14.56 2.60
C ILE C 4 -17.58 14.87 4.10
N GLY C 5 -16.72 15.77 4.58
CA GLY C 5 -16.80 16.18 5.97
C GLY C 5 -17.70 17.40 6.04
N VAL C 6 -18.40 17.55 7.16
CA VAL C 6 -19.27 18.70 7.38
C VAL C 6 -18.68 19.39 8.60
N TRP C 7 -19.01 18.92 9.80
CA TRP C 7 -18.45 19.51 11.02
C TRP C 7 -16.95 19.22 11.05
N TYR C 8 -16.15 20.19 11.50
CA TYR C 8 -14.71 20.00 11.52
C TYR C 8 -14.27 19.27 12.78
N LEU C 9 -13.03 18.78 12.76
CA LEU C 9 -12.50 18.12 13.96
C LEU C 9 -12.39 19.19 15.06
#